data_2IRV
#
_entry.id   2IRV
#
_cell.length_a   49.820
_cell.length_b   69.350
_cell.length_c   67.580
_cell.angle_alpha   90.00
_cell.angle_beta   101.03
_cell.angle_gamma   90.00
#
_symmetry.space_group_name_H-M   'P 1 21 1'
#
loop_
_entity.id
_entity.type
_entity.pdbx_description
1 polymer 'Protein glpG'
2 non-polymer 'LAURYL DIMETHYLAMINE-N-OXIDE'
3 non-polymer 'PHOSPHATE ION'
4 non-polymer DODECYL-BETA-D-MALTOSIDE
5 non-polymer '(1R)-2-{[{[(2S)-2,3-DIHYDROXYPROPYL]OXY}(HYDROXY)PHOSPHORYL]OXY}-1-[(PALMITOYLOXY)METHYL]ETHYL (11E)-OCTADEC-11-ENOATE'
6 water water
#
_entity_poly.entity_id   1
_entity_poly.type   'polypeptide(L)'
_entity_poly.pdbx_seq_one_letter_code
;RAGPVTWVMMIACVVVFIAMQILGDQEVMLWLAWPFDPTLKFEFWRYFTHALMHFSLMHILFNLLWWWYLGGAVEKRLGS
GKLIVITLISALLSGYVQQKFSGPWFGGLSGVVYALMGYVWLRGERDPQSGIYLQRGLIIFALIWIVAGWFDLFGMSMAN
GAHIAGLAVGLAMAFVDSLNAR
;
_entity_poly.pdbx_strand_id   A,B
#
# COMPACT_ATOMS: atom_id res chain seq x y z
N ARG A 1 -13.65 2.72 -15.61
CA ARG A 1 -14.19 2.21 -14.32
C ARG A 1 -13.96 0.69 -14.19
N ALA A 2 -12.69 0.29 -14.13
CA ALA A 2 -12.33 -1.12 -14.01
C ALA A 2 -12.97 -1.73 -12.78
N GLY A 3 -13.21 -3.03 -12.82
CA GLY A 3 -13.85 -3.71 -11.70
C GLY A 3 -12.93 -4.02 -10.52
N PRO A 4 -13.50 -4.63 -9.46
CA PRO A 4 -12.80 -5.00 -8.23
C PRO A 4 -11.55 -5.89 -8.40
N VAL A 5 -11.72 -7.05 -9.02
CA VAL A 5 -10.63 -7.98 -9.23
C VAL A 5 -9.49 -7.29 -9.94
N THR A 6 -9.83 -6.57 -11.00
CA THR A 6 -8.83 -5.85 -11.75
C THR A 6 -8.05 -4.95 -10.78
N TRP A 7 -8.76 -4.22 -9.93
CA TRP A 7 -8.15 -3.31 -8.95
C TRP A 7 -7.33 -3.99 -7.87
N VAL A 8 -7.90 -5.01 -7.25
CA VAL A 8 -7.22 -5.74 -6.20
C VAL A 8 -5.90 -6.32 -6.71
N MET A 9 -5.93 -6.93 -7.89
CA MET A 9 -4.74 -7.52 -8.47
C MET A 9 -3.65 -6.47 -8.66
N MET A 10 -4.07 -5.30 -9.16
CA MET A 10 -3.14 -4.20 -9.38
C MET A 10 -2.54 -3.74 -8.08
N ILE A 11 -3.38 -3.58 -7.08
CA ILE A 11 -2.90 -3.14 -5.79
C ILE A 11 -1.96 -4.19 -5.21
N ALA A 12 -2.34 -5.46 -5.32
CA ALA A 12 -1.56 -6.57 -4.79
C ALA A 12 -0.15 -6.63 -5.38
N CYS A 13 -0.03 -6.35 -6.68
CA CYS A 13 1.27 -6.38 -7.33
C CYS A 13 2.15 -5.21 -6.93
N VAL A 14 1.54 -4.07 -6.66
CA VAL A 14 2.33 -2.91 -6.27
C VAL A 14 2.80 -3.03 -4.82
N VAL A 15 1.98 -3.66 -3.99
CA VAL A 15 2.29 -3.87 -2.58
C VAL A 15 3.45 -4.87 -2.42
N VAL A 16 3.46 -5.90 -3.25
CA VAL A 16 4.51 -6.90 -3.19
C VAL A 16 5.80 -6.33 -3.75
N PHE A 17 5.70 -5.61 -4.86
CA PHE A 17 6.87 -5.00 -5.49
C PHE A 17 7.56 -4.08 -4.48
N ILE A 18 6.78 -3.23 -3.83
CA ILE A 18 7.31 -2.31 -2.84
C ILE A 18 7.94 -3.09 -1.68
N ALA A 19 7.31 -4.20 -1.31
CA ALA A 19 7.82 -5.01 -0.22
C ALA A 19 9.19 -5.57 -0.64
N MET A 20 9.30 -5.89 -1.92
CA MET A 20 10.51 -6.45 -2.50
C MET A 20 11.64 -5.43 -2.55
N GLN A 21 11.28 -4.16 -2.74
CA GLN A 21 12.28 -3.09 -2.81
C GLN A 21 12.80 -2.79 -1.41
N ILE A 22 11.91 -2.95 -0.43
CA ILE A 22 12.26 -2.68 0.95
C ILE A 22 13.03 -3.85 1.57
N LEU A 23 12.63 -5.07 1.24
CA LEU A 23 13.26 -6.27 1.80
C LEU A 23 14.22 -7.02 0.87
N GLY A 24 14.04 -6.87 -0.43
CA GLY A 24 14.91 -7.57 -1.36
C GLY A 24 14.13 -8.69 -2.02
N ASP A 25 14.35 -8.86 -3.33
CA ASP A 25 13.68 -9.90 -4.10
C ASP A 25 13.75 -11.26 -3.44
N GLN A 26 14.97 -11.70 -3.18
CA GLN A 26 15.22 -13.00 -2.55
C GLN A 26 14.41 -13.25 -1.29
N GLU A 27 14.33 -12.25 -0.43
CA GLU A 27 13.58 -12.35 0.82
C GLU A 27 12.09 -12.59 0.60
N VAL A 28 11.52 -11.89 -0.37
CA VAL A 28 10.10 -12.04 -0.65
C VAL A 28 9.86 -13.36 -1.38
N MET A 29 10.87 -13.81 -2.14
CA MET A 29 10.78 -15.07 -2.89
C MET A 29 10.73 -16.26 -1.93
N LEU A 30 11.31 -16.10 -0.74
CA LEU A 30 11.30 -17.19 0.23
C LEU A 30 9.87 -17.51 0.66
N TRP A 31 9.03 -16.49 0.74
CA TRP A 31 7.63 -16.68 1.14
C TRP A 31 6.64 -16.83 -0.04
N LEU A 32 6.85 -16.08 -1.11
CA LEU A 32 5.94 -16.11 -2.26
C LEU A 32 6.23 -16.98 -3.47
N ALA A 33 7.45 -17.49 -3.59
CA ALA A 33 7.83 -18.31 -4.74
C ALA A 33 7.28 -19.75 -4.77
N TRP A 34 7.26 -20.31 -5.99
CA TRP A 34 6.81 -21.68 -6.22
C TRP A 34 7.65 -22.57 -5.31
N PRO A 35 7.02 -23.56 -4.66
CA PRO A 35 7.74 -24.47 -3.75
C PRO A 35 9.11 -24.88 -4.25
N PHE A 36 10.16 -24.52 -3.50
CA PHE A 36 11.51 -24.85 -3.90
C PHE A 36 12.12 -26.01 -3.11
N ASP A 37 11.29 -26.71 -2.34
CA ASP A 37 11.70 -27.87 -1.55
C ASP A 37 10.47 -28.63 -1.05
N PRO A 38 10.48 -29.97 -1.20
CA PRO A 38 9.39 -30.86 -0.79
C PRO A 38 8.65 -30.48 0.49
N THR A 39 9.36 -29.85 1.41
CA THR A 39 8.74 -29.44 2.66
C THR A 39 7.73 -28.30 2.49
N LEU A 40 7.84 -27.58 1.38
CA LEU A 40 6.93 -26.45 1.11
C LEU A 40 5.81 -26.89 0.17
N LYS A 41 5.84 -28.17 -0.17
CA LYS A 41 4.87 -28.78 -1.07
C LYS A 41 3.43 -28.33 -0.82
N PHE A 42 3.05 -28.20 0.45
CA PHE A 42 1.68 -27.81 0.76
C PHE A 42 1.39 -26.34 1.03
N GLU A 43 2.33 -25.47 0.68
CA GLU A 43 2.11 -24.04 0.85
C GLU A 43 1.35 -23.66 -0.43
N PHE A 44 0.13 -24.16 -0.53
CA PHE A 44 -0.76 -23.98 -1.68
C PHE A 44 -0.81 -22.60 -2.34
N TRP A 45 -0.59 -21.55 -1.58
CA TRP A 45 -0.62 -20.21 -2.16
C TRP A 45 0.54 -20.00 -3.14
N ARG A 46 1.66 -20.67 -2.86
CA ARG A 46 2.86 -20.56 -3.69
C ARG A 46 2.66 -20.79 -5.17
N TYR A 47 1.72 -21.67 -5.52
CA TYR A 47 1.44 -21.98 -6.92
C TYR A 47 0.75 -20.82 -7.64
N PHE A 48 0.47 -19.74 -6.89
CA PHE A 48 -0.20 -18.59 -7.47
C PHE A 48 0.52 -17.27 -7.13
N THR A 49 1.07 -17.18 -5.91
CA THR A 49 1.73 -15.96 -5.46
C THR A 49 2.97 -15.53 -6.26
N HIS A 50 3.55 -16.46 -7.01
CA HIS A 50 4.73 -16.12 -7.81
C HIS A 50 4.36 -15.09 -8.86
N ALA A 51 3.09 -15.06 -9.25
CA ALA A 51 2.61 -14.12 -10.25
C ALA A 51 2.55 -12.71 -9.72
N LEU A 52 2.66 -12.56 -8.40
CA LEU A 52 2.60 -11.24 -7.80
C LEU A 52 3.95 -10.55 -7.67
N MET A 53 5.03 -11.24 -8.05
CA MET A 53 6.38 -10.67 -7.93
C MET A 53 6.95 -10.19 -9.26
N HIS A 54 7.62 -9.05 -9.22
CA HIS A 54 8.24 -8.46 -10.41
C HIS A 54 9.62 -7.97 -10.00
N PHE A 55 10.57 -7.97 -10.93
CA PHE A 55 11.96 -7.59 -10.63
C PHE A 55 12.54 -6.31 -11.21
N SER A 56 11.66 -5.36 -11.53
CA SER A 56 12.08 -4.06 -12.05
C SER A 56 10.80 -3.26 -12.26
N LEU A 57 10.95 -1.98 -12.61
CA LEU A 57 9.78 -1.15 -12.81
C LEU A 57 9.05 -1.44 -14.12
N MET A 58 9.81 -1.57 -15.20
CA MET A 58 9.20 -1.86 -16.49
C MET A 58 8.42 -3.17 -16.43
N HIS A 59 9.02 -4.16 -15.77
CA HIS A 59 8.42 -5.47 -15.62
C HIS A 59 7.00 -5.37 -15.05
N ILE A 60 6.85 -4.73 -13.89
CA ILE A 60 5.53 -4.59 -13.30
C ILE A 60 4.70 -3.54 -14.02
N LEU A 61 5.36 -2.56 -14.60
CA LEU A 61 4.67 -1.49 -15.32
C LEU A 61 3.97 -2.02 -16.56
N PHE A 62 4.69 -2.83 -17.34
CA PHE A 62 4.15 -3.41 -18.56
C PHE A 62 3.06 -4.45 -18.28
N ASN A 63 3.30 -5.31 -17.29
CA ASN A 63 2.33 -6.33 -16.93
C ASN A 63 1.03 -5.73 -16.42
N LEU A 64 1.14 -4.65 -15.64
CA LEU A 64 -0.06 -4.02 -15.09
C LEU A 64 -0.85 -3.23 -16.14
N LEU A 65 -0.19 -2.84 -17.22
CA LEU A 65 -0.86 -2.11 -18.30
C LEU A 65 -1.79 -3.08 -19.00
N TRP A 66 -1.23 -4.22 -19.40
CA TRP A 66 -2.01 -5.24 -20.08
C TRP A 66 -3.15 -5.78 -19.20
N TRP A 67 -2.84 -6.05 -17.94
CA TRP A 67 -3.82 -6.58 -16.99
C TRP A 67 -5.01 -5.64 -16.82
N TRP A 68 -4.73 -4.36 -16.63
CA TRP A 68 -5.79 -3.39 -16.45
C TRP A 68 -6.74 -3.31 -17.66
N TYR A 69 -6.18 -3.38 -18.86
CA TYR A 69 -7.03 -3.30 -20.04
C TYR A 69 -7.67 -4.60 -20.49
N LEU A 70 -6.95 -5.71 -20.42
CA LEU A 70 -7.53 -6.98 -20.83
C LEU A 70 -8.40 -7.53 -19.71
N GLY A 71 -7.89 -7.46 -18.48
CA GLY A 71 -8.66 -7.96 -17.35
C GLY A 71 -9.87 -7.08 -17.12
N GLY A 72 -9.70 -5.78 -17.32
CA GLY A 72 -10.80 -4.85 -17.15
C GLY A 72 -11.90 -5.20 -18.13
N ALA A 73 -11.52 -5.38 -19.40
CA ALA A 73 -12.48 -5.73 -20.44
C ALA A 73 -13.20 -7.01 -20.06
N VAL A 74 -12.45 -8.05 -19.70
CA VAL A 74 -13.05 -9.32 -19.32
C VAL A 74 -14.00 -9.17 -18.13
N GLU A 75 -13.57 -8.46 -17.09
CA GLU A 75 -14.41 -8.29 -15.90
C GLU A 75 -15.70 -7.52 -16.21
N LYS A 76 -15.60 -6.46 -17.00
CA LYS A 76 -16.78 -5.66 -17.37
C LYS A 76 -17.83 -6.46 -18.13
N ARG A 77 -17.40 -7.14 -19.20
CA ARG A 77 -18.31 -7.93 -20.02
C ARG A 77 -18.57 -9.37 -19.62
N LEU A 78 -17.63 -10.00 -18.93
CA LEU A 78 -17.81 -11.39 -18.53
C LEU A 78 -17.93 -11.59 -17.03
N GLY A 79 -17.66 -10.56 -16.23
CA GLY A 79 -17.76 -10.69 -14.79
C GLY A 79 -16.49 -11.03 -14.03
N SER A 80 -16.48 -10.68 -12.75
CA SER A 80 -15.34 -10.94 -11.87
C SER A 80 -14.98 -12.42 -11.78
N GLY A 81 -15.98 -13.27 -11.75
CA GLY A 81 -15.74 -14.69 -11.66
C GLY A 81 -14.84 -15.21 -12.77
N LYS A 82 -15.19 -14.85 -13.99
CA LYS A 82 -14.43 -15.27 -15.16
C LYS A 82 -12.97 -14.82 -15.11
N LEU A 83 -12.74 -13.60 -14.63
CA LEU A 83 -11.39 -13.06 -14.53
C LEU A 83 -10.59 -13.82 -13.49
N ILE A 84 -11.25 -14.18 -12.40
CA ILE A 84 -10.60 -14.94 -11.33
C ILE A 84 -10.15 -16.32 -11.80
N VAL A 85 -11.04 -17.00 -12.52
CA VAL A 85 -10.75 -18.34 -13.02
C VAL A 85 -9.59 -18.34 -13.99
N ILE A 86 -9.63 -17.43 -14.97
CA ILE A 86 -8.57 -17.33 -15.96
C ILE A 86 -7.23 -17.05 -15.28
N THR A 87 -7.25 -16.15 -14.31
CA THR A 87 -6.06 -15.77 -13.57
C THR A 87 -5.46 -16.95 -12.80
N LEU A 88 -6.27 -17.54 -11.93
CA LEU A 88 -5.83 -18.66 -11.11
C LEU A 88 -5.29 -19.81 -11.94
N ILE A 89 -6.03 -20.23 -12.95
CA ILE A 89 -5.58 -21.33 -13.78
C ILE A 89 -4.36 -20.98 -14.63
N SER A 90 -4.25 -19.72 -15.05
CA SER A 90 -3.07 -19.36 -15.86
C SER A 90 -1.84 -19.24 -14.97
N ALA A 91 -2.01 -18.71 -13.77
CA ALA A 91 -0.90 -18.58 -12.82
C ALA A 91 -0.35 -19.96 -12.46
N LEU A 92 -1.25 -20.90 -12.17
CA LEU A 92 -0.89 -22.26 -11.80
C LEU A 92 -0.17 -23.05 -12.89
N LEU A 93 -0.82 -23.21 -14.03
CA LEU A 93 -0.23 -23.97 -15.12
C LEU A 93 0.99 -23.29 -15.75
N SER A 94 1.03 -21.97 -15.76
CA SER A 94 2.18 -21.28 -16.35
C SER A 94 3.37 -21.37 -15.40
N GLY A 95 3.08 -21.40 -14.10
CA GLY A 95 4.15 -21.51 -13.13
C GLY A 95 4.73 -22.91 -13.20
N TYR A 96 3.83 -23.88 -13.36
CA TYR A 96 4.18 -25.29 -13.46
C TYR A 96 5.15 -25.58 -14.59
N VAL A 97 4.94 -24.93 -15.74
CA VAL A 97 5.79 -25.11 -16.92
C VAL A 97 7.14 -24.42 -16.79
N GLN A 98 7.09 -23.16 -16.37
CA GLN A 98 8.30 -22.37 -16.19
C GLN A 98 9.27 -23.10 -15.26
N GLN A 99 8.71 -23.72 -14.23
CA GLN A 99 9.46 -24.46 -13.21
C GLN A 99 10.39 -25.52 -13.77
N LYS A 100 9.91 -26.29 -14.74
CA LYS A 100 10.72 -27.34 -15.32
C LYS A 100 11.78 -26.81 -16.29
N PHE A 101 11.64 -25.56 -16.69
CA PHE A 101 12.58 -24.95 -17.62
C PHE A 101 13.75 -24.29 -16.92
N SER A 102 13.42 -23.50 -15.91
CA SER A 102 14.43 -22.75 -15.18
C SER A 102 14.47 -22.95 -13.68
N GLY A 103 13.65 -23.86 -13.15
CA GLY A 103 13.64 -24.06 -11.72
C GLY A 103 12.57 -23.22 -11.04
N PRO A 104 12.50 -23.24 -9.70
CA PRO A 104 11.51 -22.48 -8.91
C PRO A 104 11.70 -20.98 -8.71
N TRP A 105 12.80 -20.42 -9.20
CA TRP A 105 13.03 -19.00 -8.99
C TRP A 105 12.56 -18.07 -10.11
N PHE A 106 11.26 -17.82 -10.17
CA PHE A 106 10.69 -16.96 -11.20
C PHE A 106 9.51 -16.19 -10.62
N GLY A 107 9.04 -15.16 -11.34
CA GLY A 107 7.90 -14.39 -10.88
C GLY A 107 7.30 -13.46 -11.94
N GLY A 108 6.11 -12.93 -11.70
CA GLY A 108 5.52 -12.01 -12.66
C GLY A 108 4.19 -12.44 -13.30
N LEU A 109 3.40 -11.47 -13.74
CA LEU A 109 2.11 -11.73 -14.36
C LEU A 109 2.21 -12.02 -15.87
N SER A 110 3.40 -12.37 -16.34
CA SER A 110 3.61 -12.65 -17.77
C SER A 110 2.66 -13.74 -18.25
N GLY A 111 2.68 -14.87 -17.55
CA GLY A 111 1.83 -15.98 -17.91
C GLY A 111 0.36 -15.61 -17.88
N VAL A 112 -0.03 -14.85 -16.87
CA VAL A 112 -1.40 -14.45 -16.74
C VAL A 112 -1.78 -13.48 -17.86
N VAL A 113 -0.88 -12.56 -18.20
CA VAL A 113 -1.14 -11.60 -19.26
C VAL A 113 -1.33 -12.29 -20.61
N TYR A 114 -0.54 -13.33 -20.88
CA TYR A 114 -0.67 -14.02 -22.14
C TYR A 114 -1.98 -14.81 -22.29
N ALA A 115 -2.46 -15.37 -21.19
CA ALA A 115 -3.72 -16.11 -21.20
C ALA A 115 -4.82 -15.12 -21.55
N LEU A 116 -4.72 -13.91 -21.00
CA LEU A 116 -5.71 -12.88 -21.29
C LEU A 116 -5.65 -12.49 -22.76
N MET A 117 -4.44 -12.46 -23.31
CA MET A 117 -4.26 -12.13 -24.71
C MET A 117 -4.91 -13.21 -25.55
N GLY A 118 -4.55 -14.46 -25.24
CA GLY A 118 -5.09 -15.59 -25.97
C GLY A 118 -6.58 -15.79 -25.74
N TYR A 119 -7.08 -15.37 -24.59
CA TYR A 119 -8.49 -15.54 -24.29
C TYR A 119 -9.32 -14.45 -24.98
N VAL A 120 -8.92 -13.20 -24.77
CA VAL A 120 -9.61 -12.06 -25.34
C VAL A 120 -9.62 -12.08 -26.87
N TRP A 121 -8.60 -12.67 -27.47
CA TRP A 121 -8.52 -12.73 -28.92
C TRP A 121 -9.45 -13.81 -29.48
N LEU A 122 -9.18 -15.08 -29.16
CA LEU A 122 -10.00 -16.18 -29.66
C LEU A 122 -11.46 -15.99 -29.26
N ARG A 123 -11.67 -15.45 -28.08
CA ARG A 123 -13.02 -15.19 -27.58
C ARG A 123 -13.74 -14.19 -28.49
N GLY A 124 -13.05 -13.12 -28.84
CA GLY A 124 -13.64 -12.11 -29.71
C GLY A 124 -13.80 -12.60 -31.13
N GLU A 125 -12.96 -13.53 -31.53
CA GLU A 125 -13.01 -14.08 -32.88
C GLU A 125 -14.11 -15.14 -33.01
N ARG A 126 -14.25 -15.98 -31.97
CA ARG A 126 -15.23 -17.04 -31.99
C ARG A 126 -16.59 -16.59 -31.52
N ASP A 127 -16.60 -15.72 -30.52
CA ASP A 127 -17.85 -15.23 -29.96
C ASP A 127 -17.88 -13.70 -29.86
N PRO A 128 -17.91 -13.03 -31.03
CA PRO A 128 -17.94 -11.56 -31.18
C PRO A 128 -18.89 -10.88 -30.21
N GLN A 129 -20.07 -11.47 -30.04
CA GLN A 129 -21.07 -10.89 -29.16
C GLN A 129 -20.68 -10.87 -27.69
N SER A 130 -19.54 -11.45 -27.37
CA SER A 130 -19.06 -11.47 -25.99
C SER A 130 -18.73 -10.05 -25.50
N GLY A 131 -18.50 -9.13 -26.43
CA GLY A 131 -18.18 -7.76 -26.05
C GLY A 131 -16.71 -7.54 -25.76
N ILE A 132 -15.90 -8.51 -26.15
CA ILE A 132 -14.47 -8.47 -25.92
C ILE A 132 -13.72 -8.71 -27.23
N TYR A 133 -12.55 -8.09 -27.39
CA TYR A 133 -11.77 -8.28 -28.59
C TYR A 133 -10.35 -7.70 -28.51
N LEU A 134 -9.40 -8.41 -29.11
CA LEU A 134 -8.00 -7.98 -29.11
C LEU A 134 -7.60 -7.47 -30.50
N GLN A 135 -7.24 -6.19 -30.59
CA GLN A 135 -6.83 -5.58 -31.85
C GLN A 135 -5.76 -6.41 -32.54
N ARG A 136 -5.98 -6.72 -33.81
CA ARG A 136 -5.03 -7.52 -34.59
C ARG A 136 -3.63 -6.93 -34.56
N GLY A 137 -3.50 -5.69 -34.11
CA GLY A 137 -2.19 -5.10 -34.02
C GLY A 137 -1.53 -5.63 -32.76
N LEU A 138 -2.28 -5.60 -31.65
CA LEU A 138 -1.77 -6.05 -30.36
C LEU A 138 -1.38 -7.53 -30.37
N ILE A 139 -2.12 -8.33 -31.12
CA ILE A 139 -1.85 -9.76 -31.20
C ILE A 139 -0.51 -9.99 -31.88
N ILE A 140 -0.03 -8.96 -32.58
CA ILE A 140 1.25 -9.05 -33.27
C ILE A 140 2.39 -8.73 -32.31
N PHE A 141 2.22 -7.70 -31.48
CA PHE A 141 3.25 -7.37 -30.50
C PHE A 141 3.47 -8.63 -29.66
N ALA A 142 2.37 -9.19 -29.17
CA ALA A 142 2.39 -10.38 -28.35
C ALA A 142 3.29 -11.47 -28.93
N LEU A 143 2.93 -11.94 -30.12
CA LEU A 143 3.70 -12.99 -30.76
C LEU A 143 5.11 -12.53 -31.08
N ILE A 144 5.26 -11.26 -31.46
CA ILE A 144 6.58 -10.76 -31.74
C ILE A 144 7.36 -10.84 -30.43
N TRP A 145 6.67 -10.53 -29.33
CA TRP A 145 7.29 -10.56 -28.00
C TRP A 145 7.73 -11.96 -27.56
N ILE A 146 6.91 -12.96 -27.82
CA ILE A 146 7.25 -14.32 -27.43
C ILE A 146 8.49 -14.79 -28.17
N VAL A 147 8.50 -14.63 -29.49
CA VAL A 147 9.63 -15.05 -30.29
C VAL A 147 10.88 -14.35 -29.80
N ALA A 148 10.74 -13.09 -29.43
CA ALA A 148 11.86 -12.29 -28.92
C ALA A 148 12.41 -12.88 -27.63
N GLY A 149 11.55 -13.57 -26.90
CA GLY A 149 11.96 -14.19 -25.66
C GLY A 149 12.80 -15.44 -25.90
N TRP A 150 12.41 -16.21 -26.92
CA TRP A 150 13.10 -17.45 -27.28
C TRP A 150 14.53 -17.20 -27.75
N PHE A 151 14.89 -15.94 -27.96
CA PHE A 151 16.22 -15.57 -28.39
C PHE A 151 16.82 -14.60 -27.37
N ASP A 152 16.92 -13.34 -27.78
CA ASP A 152 17.46 -12.25 -26.96
C ASP A 152 17.29 -12.50 -25.46
N ALA A 159 14.55 -16.75 -21.22
CA ALA A 159 13.50 -17.72 -21.53
C ALA A 159 12.40 -17.69 -20.48
N ASN A 160 11.16 -17.83 -20.92
CA ASN A 160 10.01 -17.83 -20.01
C ASN A 160 8.87 -18.63 -20.62
N GLY A 161 9.00 -19.97 -20.54
CA GLY A 161 7.98 -20.84 -21.08
C GLY A 161 6.62 -20.59 -20.46
N ALA A 162 6.49 -19.47 -19.75
CA ALA A 162 5.24 -19.10 -19.12
C ALA A 162 4.34 -18.44 -20.17
N HIS A 163 4.96 -17.80 -21.15
CA HIS A 163 4.22 -17.15 -22.23
C HIS A 163 3.43 -18.20 -22.99
N ILE A 164 4.14 -19.27 -23.38
CA ILE A 164 3.54 -20.39 -24.12
C ILE A 164 2.43 -21.12 -23.37
N ALA A 165 2.71 -21.50 -22.13
CA ALA A 165 1.73 -22.21 -21.32
C ALA A 165 0.56 -21.29 -21.01
N GLY A 166 0.83 -19.98 -20.98
CA GLY A 166 -0.23 -19.02 -20.69
C GLY A 166 -1.14 -18.81 -21.88
N LEU A 167 -0.55 -18.68 -23.05
CA LEU A 167 -1.32 -18.49 -24.27
C LEU A 167 -2.21 -19.71 -24.46
N ALA A 168 -1.68 -20.88 -24.14
CA ALA A 168 -2.40 -22.13 -24.28
C ALA A 168 -3.65 -22.21 -23.41
N VAL A 169 -3.52 -21.85 -22.14
CA VAL A 169 -4.66 -21.88 -21.22
C VAL A 169 -5.76 -20.93 -21.68
N GLY A 170 -5.36 -19.73 -22.11
CA GLY A 170 -6.31 -18.73 -22.58
C GLY A 170 -7.04 -19.16 -23.83
N LEU A 171 -6.29 -19.65 -24.82
CA LEU A 171 -6.90 -20.11 -26.04
C LEU A 171 -7.88 -21.24 -25.73
N ALA A 172 -7.45 -22.17 -24.87
CA ALA A 172 -8.25 -23.32 -24.45
C ALA A 172 -9.56 -22.91 -23.80
N MET A 173 -9.46 -22.09 -22.76
CA MET A 173 -10.63 -21.61 -22.04
C MET A 173 -11.58 -20.86 -22.97
N ALA A 174 -11.03 -19.98 -23.80
CA ALA A 174 -11.83 -19.22 -24.75
C ALA A 174 -12.59 -20.18 -25.68
N PHE A 175 -11.84 -21.08 -26.31
CA PHE A 175 -12.41 -22.07 -27.22
C PHE A 175 -13.56 -22.77 -26.52
N VAL A 176 -13.36 -23.08 -25.25
CA VAL A 176 -14.36 -23.76 -24.44
C VAL A 176 -15.57 -22.91 -24.11
N ASP A 177 -15.36 -21.62 -23.83
CA ASP A 177 -16.46 -20.73 -23.52
C ASP A 177 -17.17 -20.25 -24.78
N SER A 178 -16.59 -20.60 -25.93
CA SER A 178 -17.12 -20.21 -27.25
C SER A 178 -17.85 -21.32 -27.99
N LEU A 179 -17.90 -22.52 -27.42
CA LEU A 179 -18.56 -23.64 -28.10
C LEU A 179 -20.03 -23.34 -28.43
N ASN A 180 -20.75 -22.70 -27.51
CA ASN A 180 -22.15 -22.36 -27.78
C ASN A 180 -22.14 -21.20 -28.79
N ALA A 181 -21.92 -21.53 -30.07
CA ALA A 181 -21.88 -20.53 -31.14
C ALA A 181 -23.05 -19.56 -31.11
N ARG A 182 -22.87 -18.39 -31.74
CA ARG A 182 -23.90 -17.35 -31.80
C ARG A 182 -24.14 -16.83 -33.21
N ALA B 2 13.08 -1.18 12.75
CA ALA B 2 12.37 0.00 13.31
C ALA B 2 11.28 -0.40 14.31
N GLY B 3 10.48 -1.42 13.98
CA GLY B 3 9.43 -1.85 14.88
C GLY B 3 8.09 -1.95 14.18
N PRO B 4 7.23 -2.90 14.58
CA PRO B 4 5.91 -3.07 13.96
C PRO B 4 5.00 -1.84 13.95
N VAL B 5 4.85 -1.19 15.10
CA VAL B 5 4.00 -0.01 15.23
C VAL B 5 4.53 1.10 14.31
N THR B 6 5.84 1.29 14.31
CA THR B 6 6.44 2.31 13.47
C THR B 6 6.07 2.05 12.02
N TRP B 7 6.22 0.80 11.59
CA TRP B 7 5.92 0.40 10.23
C TRP B 7 4.44 0.47 9.87
N VAL B 8 3.60 0.03 10.79
CA VAL B 8 2.17 0.04 10.54
C VAL B 8 1.65 1.45 10.30
N MET B 9 2.07 2.40 11.14
CA MET B 9 1.63 3.79 11.03
C MET B 9 2.06 4.39 9.71
N MET B 10 3.29 4.10 9.29
CA MET B 10 3.81 4.61 8.03
C MET B 10 3.04 4.04 6.84
N ILE B 11 2.78 2.74 6.89
CA ILE B 11 2.08 2.08 5.81
C ILE B 11 0.65 2.60 5.74
N ALA B 12 0.01 2.69 6.90
CA ALA B 12 -1.35 3.18 6.97
C ALA B 12 -1.42 4.58 6.39
N CYS B 13 -0.44 5.42 6.71
CA CYS B 13 -0.41 6.78 6.21
C CYS B 13 -0.28 6.85 4.70
N VAL B 14 0.69 6.12 4.15
CA VAL B 14 0.92 6.13 2.71
C VAL B 14 -0.29 5.58 1.98
N VAL B 15 -0.91 4.56 2.58
CA VAL B 15 -2.10 3.93 2.03
C VAL B 15 -3.28 4.90 2.02
N VAL B 16 -3.50 5.59 3.13
CA VAL B 16 -4.60 6.55 3.20
C VAL B 16 -4.39 7.70 2.21
N PHE B 17 -3.13 8.12 2.06
CA PHE B 17 -2.80 9.20 1.14
C PHE B 17 -3.09 8.84 -0.32
N ILE B 18 -2.71 7.63 -0.70
CA ILE B 18 -2.92 7.14 -2.06
C ILE B 18 -4.42 7.07 -2.37
N ALA B 19 -5.19 6.58 -1.41
CA ALA B 19 -6.64 6.48 -1.56
C ALA B 19 -7.26 7.87 -1.73
N MET B 20 -6.72 8.83 -0.99
CA MET B 20 -7.23 10.20 -1.06
C MET B 20 -6.96 10.77 -2.44
N GLN B 21 -5.88 10.31 -3.06
CA GLN B 21 -5.51 10.79 -4.38
C GLN B 21 -6.45 10.20 -5.42
N ILE B 22 -6.71 8.90 -5.29
CA ILE B 22 -7.56 8.19 -6.22
C ILE B 22 -9.04 8.54 -6.06
N LEU B 23 -9.50 8.57 -4.81
CA LEU B 23 -10.91 8.85 -4.51
C LEU B 23 -11.26 10.30 -4.16
N GLY B 24 -10.27 11.12 -3.86
CA GLY B 24 -10.54 12.50 -3.48
C GLY B 24 -10.53 12.65 -1.97
N ASP B 25 -10.09 13.80 -1.49
CA ASP B 25 -10.01 14.07 -0.06
C ASP B 25 -11.28 13.83 0.73
N GLN B 26 -12.30 14.62 0.44
CA GLN B 26 -13.58 14.53 1.14
C GLN B 26 -14.18 13.12 1.27
N GLU B 27 -14.05 12.29 0.25
CA GLU B 27 -14.62 10.96 0.32
C GLU B 27 -14.00 10.23 1.51
N VAL B 28 -12.67 10.30 1.62
CA VAL B 28 -11.92 9.67 2.71
C VAL B 28 -12.26 10.29 4.06
N MET B 29 -12.36 11.62 4.11
CA MET B 29 -12.70 12.35 5.33
C MET B 29 -14.07 11.95 5.87
N LEU B 30 -14.94 11.46 4.99
CA LEU B 30 -16.26 11.01 5.42
C LEU B 30 -16.06 9.76 6.26
N TRP B 31 -15.01 9.01 5.96
CA TRP B 31 -14.71 7.78 6.69
C TRP B 31 -13.80 7.95 7.91
N LEU B 32 -12.79 8.78 7.79
CA LEU B 32 -11.80 8.95 8.85
C LEU B 32 -11.82 10.21 9.73
N ALA B 33 -12.62 11.20 9.35
CA ALA B 33 -12.70 12.45 10.08
C ALA B 33 -13.31 12.35 11.48
N TRP B 34 -12.95 13.33 12.30
CA TRP B 34 -13.45 13.49 13.67
C TRP B 34 -14.97 13.51 13.53
N PRO B 35 -15.72 12.88 14.46
CA PRO B 35 -17.18 12.88 14.34
C PRO B 35 -17.70 14.24 13.88
N PHE B 36 -18.45 14.25 12.78
CA PHE B 36 -18.99 15.50 12.25
C PHE B 36 -20.49 15.66 12.45
N ASP B 37 -21.10 14.66 13.08
CA ASP B 37 -22.53 14.68 13.38
C ASP B 37 -22.73 13.83 14.63
N PRO B 38 -23.61 14.26 15.53
CA PRO B 38 -23.86 13.51 16.77
C PRO B 38 -24.09 12.00 16.60
N THR B 39 -24.61 11.59 15.46
CA THR B 39 -24.84 10.16 15.24
C THR B 39 -23.55 9.37 15.04
N LEU B 40 -22.44 10.08 14.85
CA LEU B 40 -21.12 9.46 14.65
C LEU B 40 -20.30 9.56 15.93
N LYS B 41 -20.96 10.02 16.97
CA LYS B 41 -20.39 10.23 18.30
C LYS B 41 -19.62 9.00 18.82
N PHE B 42 -20.19 7.82 18.61
CA PHE B 42 -19.56 6.60 19.10
C PHE B 42 -18.69 5.84 18.11
N GLU B 43 -18.40 6.46 16.97
CA GLU B 43 -17.47 5.86 16.03
C GLU B 43 -16.12 6.41 16.57
N PHE B 44 -15.76 5.92 17.75
CA PHE B 44 -14.57 6.31 18.52
C PHE B 44 -13.21 6.28 17.83
N TRP B 45 -13.09 5.57 16.72
CA TRP B 45 -11.81 5.54 16.03
C TRP B 45 -11.58 6.87 15.31
N ARG B 46 -12.66 7.62 15.10
CA ARG B 46 -12.58 8.91 14.42
C ARG B 46 -11.78 9.94 15.20
N TYR B 47 -11.67 9.73 16.52
CA TYR B 47 -10.94 10.64 17.38
C TYR B 47 -9.45 10.47 17.19
N PHE B 48 -9.07 9.49 16.39
CA PHE B 48 -7.67 9.23 16.14
C PHE B 48 -7.32 9.12 14.66
N THR B 49 -8.25 8.65 13.83
CA THR B 49 -8.00 8.45 12.41
C THR B 49 -7.79 9.71 11.58
N HIS B 50 -8.12 10.86 12.15
CA HIS B 50 -7.93 12.12 11.45
C HIS B 50 -6.44 12.31 11.19
N ALA B 51 -5.62 11.73 12.06
CA ALA B 51 -4.16 11.82 11.98
C ALA B 51 -3.59 11.07 10.79
N LEU B 52 -4.38 10.16 10.23
CA LEU B 52 -3.95 9.36 9.09
C LEU B 52 -4.06 10.05 7.72
N MET B 53 -4.81 11.15 7.67
CA MET B 53 -5.00 11.87 6.41
C MET B 53 -4.00 13.02 6.24
N HIS B 54 -3.42 13.11 5.06
CA HIS B 54 -2.48 14.19 4.75
C HIS B 54 -2.91 14.79 3.41
N PHE B 55 -2.70 16.09 3.27
CA PHE B 55 -3.15 16.75 2.06
C PHE B 55 -2.13 17.16 1.01
N SER B 56 -0.91 16.63 1.09
CA SER B 56 0.11 16.93 0.10
C SER B 56 1.31 16.01 0.28
N LEU B 57 2.16 15.93 -0.75
CA LEU B 57 3.34 15.10 -0.68
C LEU B 57 4.28 15.58 0.42
N MET B 58 4.41 16.89 0.55
CA MET B 58 5.28 17.46 1.56
C MET B 58 4.66 17.30 2.94
N HIS B 59 3.32 17.34 2.98
CA HIS B 59 2.62 17.20 4.25
C HIS B 59 2.97 15.85 4.85
N ILE B 60 2.68 14.77 4.12
CA ILE B 60 2.97 13.44 4.62
C ILE B 60 4.47 13.11 4.66
N LEU B 61 5.26 13.70 3.78
CA LEU B 61 6.69 13.43 3.77
C LEU B 61 7.36 13.83 5.09
N PHE B 62 7.24 15.10 5.42
CA PHE B 62 7.85 15.60 6.63
C PHE B 62 7.26 15.01 7.90
N ASN B 63 5.98 14.69 7.90
CA ASN B 63 5.36 14.08 9.07
C ASN B 63 5.94 12.68 9.27
N LEU B 64 6.12 11.95 8.18
CA LEU B 64 6.64 10.61 8.24
C LEU B 64 8.13 10.56 8.57
N LEU B 65 8.89 11.55 8.13
CA LEU B 65 10.32 11.61 8.44
C LEU B 65 10.46 11.68 9.97
N TRP B 66 9.70 12.58 10.58
CA TRP B 66 9.71 12.76 12.03
C TRP B 66 9.18 11.51 12.73
N TRP B 67 8.12 10.94 12.18
CA TRP B 67 7.52 9.75 12.76
C TRP B 67 8.47 8.55 12.72
N TRP B 68 9.18 8.38 11.62
CA TRP B 68 10.11 7.27 11.49
C TRP B 68 11.26 7.31 12.49
N TYR B 69 11.82 8.49 12.69
CA TYR B 69 12.94 8.64 13.62
C TYR B 69 12.54 8.77 15.08
N LEU B 70 11.55 9.61 15.36
CA LEU B 70 11.13 9.78 16.73
C LEU B 70 10.28 8.62 17.21
N GLY B 71 9.37 8.16 16.35
CA GLY B 71 8.53 7.03 16.72
C GLY B 71 9.34 5.75 16.79
N GLY B 72 10.23 5.56 15.80
CA GLY B 72 11.05 4.38 15.75
C GLY B 72 11.98 4.26 16.95
N ALA B 73 12.52 5.38 17.41
CA ALA B 73 13.41 5.45 18.56
C ALA B 73 12.68 5.06 19.84
N VAL B 74 11.46 5.58 20.00
CA VAL B 74 10.64 5.29 21.16
C VAL B 74 10.30 3.80 21.23
N GLU B 75 9.89 3.23 20.10
CA GLU B 75 9.53 1.83 20.06
C GLU B 75 10.68 0.89 20.39
N LYS B 76 11.86 1.20 19.87
CA LYS B 76 13.04 0.35 20.07
C LYS B 76 13.45 0.25 21.53
N ARG B 77 13.48 1.39 22.19
CA ARG B 77 13.90 1.50 23.57
C ARG B 77 12.77 1.33 24.58
N LEU B 78 11.59 1.81 24.23
CA LEU B 78 10.45 1.74 25.13
C LEU B 78 9.37 0.73 24.76
N GLY B 79 9.47 0.16 23.56
CA GLY B 79 8.49 -0.82 23.15
C GLY B 79 7.27 -0.29 22.40
N SER B 80 6.56 -1.21 21.76
CA SER B 80 5.37 -0.89 20.98
C SER B 80 4.25 -0.20 21.76
N GLY B 81 3.99 -0.71 22.96
CA GLY B 81 2.94 -0.15 23.79
C GLY B 81 3.10 1.33 24.11
N LYS B 82 4.27 1.71 24.60
CA LYS B 82 4.52 3.10 24.93
C LYS B 82 4.30 4.02 23.72
N LEU B 83 4.72 3.57 22.54
CA LEU B 83 4.53 4.37 21.34
C LEU B 83 3.04 4.49 21.04
N ILE B 84 2.29 3.42 21.28
CA ILE B 84 0.85 3.49 21.03
C ILE B 84 0.19 4.50 21.96
N VAL B 85 0.53 4.45 23.25
CA VAL B 85 -0.04 5.35 24.23
C VAL B 85 0.21 6.80 23.87
N ILE B 86 1.48 7.13 23.58
CA ILE B 86 1.83 8.49 23.23
C ILE B 86 1.06 8.93 21.99
N THR B 87 0.97 8.01 21.03
CA THR B 87 0.28 8.26 19.77
C THR B 87 -1.23 8.47 19.90
N LEU B 88 -1.90 7.59 20.64
CA LEU B 88 -3.34 7.72 20.82
C LEU B 88 -3.74 8.98 21.58
N ILE B 89 -3.07 9.23 22.71
CA ILE B 89 -3.36 10.41 23.52
C ILE B 89 -3.07 11.71 22.80
N SER B 90 -1.91 11.80 22.13
CA SER B 90 -1.61 13.05 21.45
C SER B 90 -2.57 13.26 20.27
N ALA B 91 -2.94 12.18 19.59
CA ALA B 91 -3.89 12.31 18.49
C ALA B 91 -5.27 12.78 19.00
N LEU B 92 -5.74 12.19 20.09
CA LEU B 92 -7.04 12.57 20.64
C LEU B 92 -7.05 14.03 21.02
N LEU B 93 -6.14 14.40 21.90
CA LEU B 93 -6.09 15.78 22.36
C LEU B 93 -5.86 16.75 21.21
N SER B 94 -5.02 16.35 20.26
CA SER B 94 -4.71 17.19 19.12
C SER B 94 -6.00 17.46 18.34
N GLY B 95 -6.72 16.38 18.04
CA GLY B 95 -7.97 16.51 17.30
C GLY B 95 -8.99 17.31 18.07
N TYR B 96 -9.01 17.16 19.39
CA TYR B 96 -9.96 17.86 20.23
C TYR B 96 -9.78 19.38 20.15
N VAL B 97 -8.56 19.84 20.30
CA VAL B 97 -8.30 21.27 20.24
C VAL B 97 -8.62 21.79 18.85
N GLN B 98 -8.25 21.03 17.82
CA GLN B 98 -8.52 21.43 16.46
C GLN B 98 -10.02 21.67 16.26
N GLN B 99 -10.80 20.60 16.41
CA GLN B 99 -12.25 20.66 16.25
C GLN B 99 -12.90 21.84 16.98
N LYS B 100 -12.41 22.17 18.18
CA LYS B 100 -12.99 23.26 18.96
C LYS B 100 -12.71 24.64 18.37
N PHE B 101 -11.75 24.73 17.45
CA PHE B 101 -11.43 26.02 16.84
C PHE B 101 -11.84 26.13 15.36
N SER B 102 -11.79 25.04 14.60
CA SER B 102 -12.12 25.14 13.19
C SER B 102 -13.10 24.09 12.67
N GLY B 103 -13.72 23.33 13.57
CA GLY B 103 -14.65 22.32 13.09
C GLY B 103 -14.02 20.94 12.92
N PRO B 104 -14.78 19.97 12.41
CA PRO B 104 -14.35 18.58 12.20
C PRO B 104 -13.58 18.23 10.93
N TRP B 105 -13.41 19.18 10.02
CA TRP B 105 -12.71 18.86 8.78
C TRP B 105 -11.25 19.24 8.84
N PHE B 106 -10.41 18.28 9.21
CA PHE B 106 -8.97 18.49 9.35
C PHE B 106 -8.32 17.12 9.46
N GLY B 107 -7.00 17.06 9.27
CA GLY B 107 -6.30 15.78 9.36
C GLY B 107 -4.80 15.96 9.42
N GLY B 108 -4.09 14.85 9.65
CA GLY B 108 -2.64 14.88 9.74
C GLY B 108 -2.15 14.47 11.13
N LEU B 109 -0.89 14.03 11.22
CA LEU B 109 -0.32 13.62 12.51
C LEU B 109 -0.37 14.79 13.47
N SER B 110 -0.04 15.97 12.96
CA SER B 110 -0.08 17.19 13.75
C SER B 110 0.52 17.05 15.14
N GLY B 111 -0.35 17.10 16.15
CA GLY B 111 0.10 16.98 17.53
C GLY B 111 0.89 15.73 17.87
N VAL B 112 0.70 14.66 17.11
CA VAL B 112 1.43 13.43 17.34
C VAL B 112 2.92 13.68 17.19
N VAL B 113 3.28 14.39 16.14
CA VAL B 113 4.67 14.75 15.87
C VAL B 113 5.26 15.58 17.00
N TYR B 114 4.54 16.61 17.44
CA TYR B 114 5.04 17.45 18.51
C TYR B 114 5.16 16.73 19.86
N ALA B 115 4.28 15.78 20.11
CA ALA B 115 4.32 15.02 21.37
C ALA B 115 5.55 14.12 21.35
N LEU B 116 5.90 13.62 20.17
CA LEU B 116 7.08 12.78 20.04
C LEU B 116 8.33 13.64 20.25
N MET B 117 8.30 14.86 19.73
CA MET B 117 9.41 15.80 19.88
C MET B 117 9.56 16.12 21.35
N GLY B 118 8.44 16.53 21.96
CA GLY B 118 8.45 16.87 23.37
C GLY B 118 8.80 15.69 24.26
N TYR B 119 8.26 14.51 23.96
CA TYR B 119 8.54 13.34 24.78
C TYR B 119 10.00 12.91 24.73
N VAL B 120 10.50 12.64 23.52
CA VAL B 120 11.88 12.22 23.34
C VAL B 120 12.89 13.23 23.88
N TRP B 121 12.58 14.51 23.74
CA TRP B 121 13.50 15.54 24.23
C TRP B 121 13.58 15.53 25.76
N LEU B 122 12.45 15.73 26.44
CA LEU B 122 12.44 15.77 27.90
C LEU B 122 12.81 14.46 28.60
N ARG B 123 12.55 13.32 27.98
CA ARG B 123 12.87 12.03 28.57
C ARG B 123 14.40 11.83 28.55
N GLY B 124 15.02 12.19 27.44
CA GLY B 124 16.46 12.06 27.31
C GLY B 124 17.15 13.14 28.13
N GLU B 125 16.45 14.25 28.33
CA GLU B 125 16.96 15.38 29.08
C GLU B 125 16.94 15.08 30.58
N ARG B 126 15.87 14.44 31.03
CA ARG B 126 15.71 14.11 32.44
C ARG B 126 16.03 12.65 32.78
N ASP B 127 16.07 11.79 31.76
CA ASP B 127 16.30 10.38 31.98
C ASP B 127 17.23 9.71 30.96
N PRO B 128 18.49 10.15 30.89
CA PRO B 128 19.48 9.59 29.96
C PRO B 128 19.58 8.07 29.94
N GLN B 129 19.57 7.43 31.11
CA GLN B 129 19.68 5.98 31.18
C GLN B 129 18.56 5.28 30.41
N SER B 130 17.50 6.02 30.09
CA SER B 130 16.40 5.46 29.34
C SER B 130 16.91 5.03 27.97
N GLY B 131 18.02 5.63 27.55
CA GLY B 131 18.59 5.32 26.25
C GLY B 131 17.90 6.10 25.14
N ILE B 132 16.95 6.96 25.49
CA ILE B 132 16.24 7.76 24.51
C ILE B 132 16.57 9.24 24.66
N TYR B 133 16.78 9.92 23.55
CA TYR B 133 17.09 11.34 23.60
C TYR B 133 17.03 11.99 22.21
N LEU B 134 16.65 13.26 22.16
CA LEU B 134 16.54 13.97 20.89
C LEU B 134 17.83 14.72 20.54
N GLN B 135 18.26 14.62 19.28
CA GLN B 135 19.48 15.29 18.84
C GLN B 135 19.51 16.77 19.18
N ARG B 136 20.69 17.24 19.54
CA ARG B 136 20.92 18.63 19.92
C ARG B 136 20.45 19.63 18.87
N GLY B 137 19.56 20.53 19.27
CA GLY B 137 19.03 21.54 18.38
C GLY B 137 17.63 21.27 17.84
N LEU B 138 17.28 20.01 17.64
CA LEU B 138 15.97 19.66 17.10
C LEU B 138 14.79 20.27 17.83
N ILE B 139 14.78 20.14 19.16
CA ILE B 139 13.66 20.67 19.93
C ILE B 139 13.30 22.12 19.60
N ILE B 140 14.23 22.87 19.03
CA ILE B 140 13.96 24.27 18.70
C ILE B 140 12.96 24.38 17.56
N PHE B 141 12.89 23.32 16.74
CA PHE B 141 11.95 23.26 15.63
C PHE B 141 10.53 23.53 16.12
N ALA B 142 10.18 22.90 17.25
CA ALA B 142 8.85 23.04 17.83
C ALA B 142 8.56 24.45 18.32
N LEU B 143 9.60 25.12 18.83
CA LEU B 143 9.45 26.47 19.33
C LEU B 143 9.28 27.44 18.17
N ILE B 144 10.10 27.31 17.14
CA ILE B 144 10.02 28.17 15.98
C ILE B 144 8.67 27.94 15.28
N TRP B 145 8.28 26.68 15.17
CA TRP B 145 7.02 26.36 14.51
C TRP B 145 5.80 26.90 15.22
N ILE B 146 5.88 27.01 16.53
CA ILE B 146 4.76 27.52 17.30
C ILE B 146 4.72 29.03 17.22
N VAL B 147 5.88 29.67 17.29
CA VAL B 147 5.95 31.12 17.22
C VAL B 147 5.49 31.57 15.84
N ALA B 148 5.92 30.85 14.81
CA ALA B 148 5.50 31.17 13.45
C ALA B 148 3.97 31.06 13.41
N GLY B 149 3.44 30.13 14.20
CA GLY B 149 2.00 29.92 14.27
C GLY B 149 1.26 31.10 14.89
N TRP B 150 1.79 31.65 15.97
CA TRP B 150 1.15 32.79 16.62
C TRP B 150 1.07 34.01 15.69
N PHE B 151 2.06 34.16 14.82
CA PHE B 151 2.10 35.26 13.88
C PHE B 151 1.30 34.93 12.62
N ASP B 152 0.76 33.70 12.58
CA ASP B 152 -0.01 33.18 11.45
C ASP B 152 0.75 33.23 10.14
N LEU B 153 2.04 32.92 10.20
CA LEU B 153 2.89 32.88 9.02
C LEU B 153 2.51 31.67 8.18
N PHE B 154 2.40 31.85 6.88
CA PHE B 154 2.05 30.74 6.00
C PHE B 154 0.73 30.10 6.44
N GLY B 155 -0.07 30.87 7.18
CA GLY B 155 -1.35 30.37 7.67
C GLY B 155 -1.23 29.24 8.68
N MET B 156 -0.15 29.24 9.48
CA MET B 156 0.10 28.20 10.48
C MET B 156 -0.71 28.36 11.78
N SER B 157 -1.49 29.44 11.85
CA SER B 157 -2.29 29.73 13.03
C SER B 157 -3.48 28.78 13.26
N MET B 158 -4.08 28.30 12.17
CA MET B 158 -5.22 27.40 12.29
C MET B 158 -4.92 26.10 13.05
N ALA B 159 -3.76 25.50 12.82
CA ALA B 159 -3.40 24.24 13.47
C ALA B 159 -2.37 24.36 14.59
N ASN B 160 -2.03 25.59 14.96
CA ASN B 160 -1.03 25.81 16.01
C ASN B 160 -1.50 25.33 17.39
N GLY B 161 -2.77 25.60 17.72
CA GLY B 161 -3.29 25.16 18.99
C GLY B 161 -3.13 23.67 19.24
N ALA B 162 -3.37 22.87 18.21
CA ALA B 162 -3.27 21.41 18.31
C ALA B 162 -1.81 20.96 18.44
N HIS B 163 -0.90 21.76 17.89
CA HIS B 163 0.52 21.47 17.95
C HIS B 163 1.01 21.71 19.39
N ILE B 164 0.53 22.78 19.98
CA ILE B 164 0.91 23.12 21.34
C ILE B 164 0.43 22.01 22.28
N ALA B 165 -0.87 21.70 22.22
CA ALA B 165 -1.45 20.66 23.07
C ALA B 165 -0.68 19.36 22.92
N GLY B 166 -0.31 19.04 21.69
CA GLY B 166 0.44 17.83 21.44
C GLY B 166 1.81 17.84 22.12
N LEU B 167 2.45 19.00 22.07
CA LEU B 167 3.76 19.18 22.68
C LEU B 167 3.64 19.05 24.21
N ALA B 168 2.57 19.59 24.76
CA ALA B 168 2.32 19.54 26.20
C ALA B 168 2.16 18.11 26.69
N VAL B 169 1.33 17.34 25.98
CA VAL B 169 1.09 15.95 26.29
C VAL B 169 2.42 15.20 26.30
N GLY B 170 3.18 15.35 25.22
CA GLY B 170 4.47 14.69 25.14
C GLY B 170 5.37 15.04 26.30
N LEU B 171 5.42 16.33 26.66
CA LEU B 171 6.24 16.79 27.77
C LEU B 171 5.78 16.23 29.13
N ALA B 172 4.48 16.19 29.34
CA ALA B 172 3.92 15.69 30.59
C ALA B 172 4.25 14.21 30.80
N MET B 173 4.00 13.41 29.76
CA MET B 173 4.27 11.97 29.84
C MET B 173 5.75 11.66 30.11
N ALA B 174 6.64 12.39 29.44
CA ALA B 174 8.06 12.16 29.64
C ALA B 174 8.43 12.57 31.07
N PHE B 175 7.72 13.57 31.59
CA PHE B 175 7.99 14.01 32.94
C PHE B 175 7.69 12.88 33.92
N VAL B 176 6.48 12.31 33.81
CA VAL B 176 6.12 11.21 34.69
C VAL B 176 7.10 10.04 34.54
N ASP B 177 7.19 9.49 33.33
CA ASP B 177 8.09 8.36 33.09
C ASP B 177 9.49 8.53 33.67
N SER B 178 9.94 9.78 33.79
CA SER B 178 11.28 10.08 34.29
C SER B 178 11.45 9.91 35.79
N LEU B 179 10.36 9.79 36.52
CA LEU B 179 10.41 9.63 37.99
C LEU B 179 10.52 8.16 38.38
N ASN B 180 10.50 7.91 39.69
CA ASN B 180 10.55 6.56 40.24
C ASN B 180 12.00 6.05 40.32
#